data_7X0G
#
_entry.id   7X0G
#
_cell.length_a   124.070
_cell.length_b   94.460
_cell.length_c   58.500
_cell.angle_alpha   90.000
_cell.angle_beta   114.940
_cell.angle_gamma   90.000
#
_symmetry.space_group_name_H-M   'C 1 2 1'
#
loop_
_entity.id
_entity.type
_entity.pdbx_description
1 polymer CbpA
2 water water
#
_entity_poly.entity_id   1
_entity_poly.type   'polypeptide(L)'
_entity_poly.pdbx_seq_one_letter_code
;SAKGYVGDPSDEYYMVTFLSGIDYWKYCFEGFEDAAKAIGVTAKYTGQTDTDVSGQVAVLEQVIAQKPKGIAVTAVNSTA
LADTINSAIEQGISVVCFDSDSPTSNRSAYLGTGNYAAGQKAAEFLVPLVNYKGKIAVLYTVGAENSESRVQGFEDWCKQ
NAPEVSLVKVNDAGDTTVAADNLAAALQANDDIVGVFCVDGVAGTAGPTAVAESKKDLRVLAFDVDVTVLDKVKSGEIDG
TVAQGMYNMGYWSLMMLYTEANGLSSKALPGNLDTGVVIVTKDNVDEYYPKK
;
_entity_poly.pdbx_strand_id   A,B
#
# COMPACT_ATOMS: atom_id res chain seq x y z
N LYS A 3 -42.78 -9.78 -1.14
CA LYS A 3 -41.59 -8.95 -0.95
C LYS A 3 -41.14 -8.34 -2.27
N GLY A 4 -41.14 -7.01 -2.31
CA GLY A 4 -40.64 -6.31 -3.48
C GLY A 4 -39.29 -5.69 -3.22
N TYR A 5 -39.06 -4.47 -3.70
CA TYR A 5 -37.83 -3.75 -3.41
C TYR A 5 -37.88 -2.99 -2.09
N VAL A 6 -39.00 -3.01 -1.39
CA VAL A 6 -39.09 -2.42 -0.06
C VAL A 6 -38.32 -3.32 0.90
N GLY A 7 -37.10 -2.93 1.25
CA GLY A 7 -36.22 -3.78 2.03
C GLY A 7 -36.28 -3.48 3.52
N ASP A 8 -35.66 -4.37 4.29
CA ASP A 8 -35.64 -4.28 5.74
C ASP A 8 -34.28 -3.77 6.20
N PRO A 9 -34.23 -2.72 7.05
CA PRO A 9 -32.95 -2.25 7.59
C PRO A 9 -32.20 -3.29 8.41
N SER A 10 -32.75 -4.49 8.54
CA SER A 10 -32.07 -5.59 9.21
C SER A 10 -31.23 -6.43 8.26
N ASP A 11 -31.43 -6.30 6.95
CA ASP A 11 -30.64 -7.03 5.97
C ASP A 11 -29.37 -6.24 5.70
N GLU A 12 -28.24 -6.74 6.19
CA GLU A 12 -27.00 -5.99 6.14
C GLU A 12 -26.25 -6.29 4.85
N TYR A 13 -25.76 -5.24 4.20
CA TYR A 13 -25.02 -5.34 2.95
C TYR A 13 -23.74 -4.53 3.08
N TYR A 14 -22.60 -5.19 2.90
CA TYR A 14 -21.30 -4.59 3.14
C TYR A 14 -20.67 -4.12 1.83
N MET A 15 -19.97 -2.99 1.89
CA MET A 15 -19.03 -2.58 0.85
C MET A 15 -17.64 -2.79 1.45
N VAL A 16 -16.99 -3.88 1.05
CA VAL A 16 -15.70 -4.27 1.62
C VAL A 16 -14.61 -3.79 0.67
N THR A 17 -13.72 -2.94 1.18
CA THR A 17 -12.69 -2.28 0.38
C THR A 17 -11.32 -2.55 0.98
N PHE A 18 -10.29 -2.06 0.29
CA PHE A 18 -8.94 -1.97 0.82
C PHE A 18 -8.49 -0.52 0.75
N LEU A 19 -7.57 -0.16 1.64
CA LEU A 19 -7.25 1.24 1.90
C LEU A 19 -8.54 2.03 2.15
N SER A 20 -9.25 1.58 3.19
CA SER A 20 -10.60 2.06 3.46
C SER A 20 -10.67 3.57 3.59
N GLY A 21 -9.60 4.21 4.05
CA GLY A 21 -9.66 5.63 4.36
C GLY A 21 -9.43 6.56 3.20
N ILE A 22 -8.99 6.06 2.04
CA ILE A 22 -8.71 6.96 0.92
C ILE A 22 -10.00 7.51 0.35
N ASP A 23 -9.89 8.66 -0.31
CA ASP A 23 -11.07 9.37 -0.80
C ASP A 23 -11.78 8.63 -1.94
N TYR A 24 -11.08 7.72 -2.63
CA TYR A 24 -11.68 7.05 -3.77
C TYR A 24 -12.94 6.28 -3.39
N TRP A 25 -12.90 5.55 -2.27
CA TRP A 25 -14.05 4.77 -1.86
C TRP A 25 -15.21 5.63 -1.39
N LYS A 26 -14.96 6.89 -1.03
CA LYS A 26 -16.05 7.77 -0.63
C LYS A 26 -17.02 8.01 -1.79
N TYR A 27 -16.49 8.20 -3.00
CA TYR A 27 -17.34 8.32 -4.17
C TYR A 27 -18.14 7.04 -4.39
N CYS A 28 -17.55 5.89 -4.11
CA CYS A 28 -18.22 4.61 -4.35
C CYS A 28 -19.32 4.38 -3.31
N PHE A 29 -18.99 4.53 -2.03
CA PHE A 29 -19.97 4.28 -0.99
C PHE A 29 -21.10 5.29 -1.01
N GLU A 30 -20.84 6.49 -1.53
CA GLU A 30 -21.92 7.48 -1.67
C GLU A 30 -23.00 6.98 -2.61
N GLY A 31 -22.65 6.13 -3.57
CA GLY A 31 -23.63 5.48 -4.40
C GLY A 31 -24.18 4.24 -3.72
N PHE A 32 -23.34 3.53 -2.98
CA PHE A 32 -23.80 2.37 -2.24
C PHE A 32 -24.80 2.77 -1.17
N GLU A 33 -24.53 3.86 -0.45
CA GLU A 33 -25.46 4.38 0.54
C GLU A 33 -26.53 5.28 -0.07
N ASP A 34 -26.49 5.49 -1.40
CA ASP A 34 -27.60 6.06 -2.13
C ASP A 34 -28.49 5.00 -2.76
N ALA A 35 -27.93 3.84 -3.08
CA ALA A 35 -28.77 2.72 -3.47
C ALA A 35 -29.67 2.32 -2.31
N ALA A 36 -29.10 2.24 -1.10
CA ALA A 36 -29.84 1.95 0.11
C ALA A 36 -30.68 3.13 0.58
N LYS A 37 -30.82 4.20 -0.19
CA LYS A 37 -31.57 5.36 0.26
C LYS A 37 -32.95 5.26 -0.30
N ALA A 38 -33.18 4.22 -1.09
CA ALA A 38 -34.50 4.02 -1.66
C ALA A 38 -35.05 2.62 -1.57
N ILE A 39 -34.20 1.61 -1.56
CA ILE A 39 -34.72 0.28 -1.33
C ILE A 39 -34.72 0.19 0.17
N GLY A 40 -34.05 1.12 0.84
CA GLY A 40 -34.09 1.16 2.28
C GLY A 40 -33.57 -0.05 3.02
N VAL A 41 -32.38 -0.52 2.65
CA VAL A 41 -31.79 -1.64 3.36
C VAL A 41 -30.55 -1.12 4.10
N THR A 42 -29.84 -2.01 4.78
CA THR A 42 -28.70 -1.58 5.59
C THR A 42 -27.40 -1.59 4.82
N ALA A 43 -26.74 -0.44 4.71
CA ALA A 43 -25.45 -0.37 4.03
C ALA A 43 -24.34 -0.04 4.97
N LYS A 44 -23.43 -0.96 5.15
CA LYS A 44 -22.30 -0.69 5.97
C LYS A 44 -21.05 -0.56 5.13
N TYR A 45 -20.07 0.23 5.59
CA TYR A 45 -18.81 0.43 4.89
C TYR A 45 -17.68 -0.04 5.79
N THR A 46 -17.00 -1.12 5.40
CA THR A 46 -15.88 -1.66 6.14
C THR A 46 -14.78 -2.02 5.15
N GLY A 47 -13.61 -2.35 5.68
CA GLY A 47 -12.51 -2.79 4.86
C GLY A 47 -11.20 -2.66 5.60
N GLN A 48 -10.16 -3.20 4.97
CA GLN A 48 -8.82 -3.14 5.55
C GLN A 48 -8.16 -1.81 5.24
N THR A 49 -7.54 -1.21 6.26
CA THR A 49 -6.98 0.12 6.13
C THR A 49 -5.77 0.14 5.19
N ASP A 50 -5.03 -0.95 5.09
CA ASP A 50 -3.89 -1.03 4.20
C ASP A 50 -4.20 -1.97 3.04
N THR A 51 -3.19 -2.20 2.20
CA THR A 51 -3.33 -3.06 1.04
C THR A 51 -3.07 -4.54 1.33
N ASP A 52 -2.96 -4.93 2.60
CA ASP A 52 -2.45 -6.27 2.93
C ASP A 52 -3.44 -7.34 2.49
N VAL A 53 -2.93 -8.34 1.77
CA VAL A 53 -3.76 -9.45 1.30
C VAL A 53 -4.21 -10.30 2.49
N SER A 54 -3.26 -10.70 3.34
CA SER A 54 -3.60 -11.43 4.56
C SER A 54 -4.67 -10.70 5.37
N GLY A 55 -4.59 -9.37 5.41
CA GLY A 55 -5.56 -8.60 6.18
C GLY A 55 -6.94 -8.58 5.54
N GLN A 56 -7.00 -8.40 4.21
CA GLN A 56 -8.29 -8.34 3.54
C GLN A 56 -9.05 -9.66 3.64
N VAL A 57 -8.34 -10.79 3.52
CA VAL A 57 -9.00 -12.09 3.72
C VAL A 57 -9.59 -12.18 5.12
N ALA A 58 -8.89 -11.63 6.11
CA ALA A 58 -9.35 -11.70 7.49
C ALA A 58 -10.58 -10.82 7.72
N VAL A 59 -10.64 -9.65 7.09
CA VAL A 59 -11.73 -8.73 7.39
C VAL A 59 -13.02 -9.14 6.67
N LEU A 60 -12.90 -9.86 5.54
CA LEU A 60 -14.12 -10.34 4.90
C LEU A 60 -14.63 -11.61 5.57
N GLU A 61 -13.74 -12.41 6.17
CA GLU A 61 -14.19 -13.52 6.99
C GLU A 61 -15.00 -13.04 8.18
N GLN A 62 -14.67 -11.86 8.71
CA GLN A 62 -15.47 -11.27 9.77
C GLN A 62 -16.75 -10.65 9.23
N VAL A 63 -16.71 -10.12 8.00
CA VAL A 63 -17.93 -9.68 7.34
C VAL A 63 -18.84 -10.88 7.08
N ILE A 64 -18.27 -11.99 6.64
CA ILE A 64 -19.05 -13.22 6.48
C ILE A 64 -19.51 -13.74 7.82
N ALA A 65 -18.72 -13.54 8.87
CA ALA A 65 -19.11 -13.97 10.21
C ALA A 65 -20.38 -13.26 10.66
N GLN A 66 -20.53 -11.99 10.30
CA GLN A 66 -21.73 -11.22 10.62
C GLN A 66 -22.93 -11.63 9.79
N LYS A 67 -22.77 -12.61 8.89
CA LYS A 67 -23.83 -13.18 8.08
C LYS A 67 -24.66 -12.12 7.36
N PRO A 68 -24.11 -11.49 6.31
CA PRO A 68 -24.89 -10.54 5.52
C PRO A 68 -25.57 -11.22 4.35
N LYS A 69 -26.69 -10.61 3.93
CA LYS A 69 -27.39 -11.10 2.75
C LYS A 69 -26.58 -10.88 1.47
N GLY A 70 -25.70 -9.88 1.47
CA GLY A 70 -24.93 -9.56 0.28
C GLY A 70 -23.73 -8.68 0.54
N ILE A 71 -22.62 -8.95 -0.16
CA ILE A 71 -21.38 -8.20 -0.01
C ILE A 71 -20.93 -7.69 -1.37
N ALA A 72 -20.72 -6.38 -1.47
CA ALA A 72 -20.06 -5.77 -2.63
C ALA A 72 -18.61 -5.51 -2.24
N VAL A 73 -17.68 -6.28 -2.81
CA VAL A 73 -16.30 -6.28 -2.36
C VAL A 73 -15.38 -5.99 -3.54
N THR A 74 -14.38 -5.14 -3.30
CA THR A 74 -13.29 -4.93 -4.24
C THR A 74 -12.04 -5.63 -3.69
N ALA A 75 -11.51 -6.58 -4.46
CA ALA A 75 -10.41 -7.41 -4.02
C ALA A 75 -9.07 -6.74 -4.29
N VAL A 76 -8.13 -6.92 -3.35
CA VAL A 76 -6.79 -6.37 -3.54
C VAL A 76 -6.08 -7.06 -4.70
N ASN A 77 -6.39 -8.33 -4.93
CA ASN A 77 -5.75 -9.11 -5.98
C ASN A 77 -6.83 -9.85 -6.77
N SER A 78 -6.47 -10.26 -7.98
CA SER A 78 -7.42 -10.94 -8.85
C SER A 78 -7.60 -12.40 -8.47
N THR A 79 -6.67 -12.96 -7.68
CA THR A 79 -6.71 -14.37 -7.32
C THR A 79 -6.59 -14.64 -5.83
N ALA A 80 -6.46 -13.61 -4.99
CA ALA A 80 -6.23 -13.84 -3.57
C ALA A 80 -7.55 -14.16 -2.85
N LEU A 81 -8.59 -13.39 -3.12
CA LEU A 81 -9.90 -13.59 -2.53
C LEU A 81 -10.69 -14.71 -3.22
N ALA A 82 -10.02 -15.52 -4.04
CA ALA A 82 -10.69 -16.60 -4.76
C ALA A 82 -11.42 -17.55 -3.82
N ASP A 83 -10.70 -18.15 -2.85
CA ASP A 83 -11.29 -19.19 -2.02
C ASP A 83 -12.18 -18.61 -0.92
N THR A 84 -11.79 -17.49 -0.33
CA THR A 84 -12.56 -16.92 0.78
C THR A 84 -13.93 -16.43 0.34
N ILE A 85 -14.11 -16.12 -0.94
CA ILE A 85 -15.39 -15.66 -1.45
C ILE A 85 -16.28 -16.82 -1.91
N ASN A 86 -15.70 -17.99 -2.18
CA ASN A 86 -16.50 -19.15 -2.55
C ASN A 86 -17.18 -19.76 -1.33
N SER A 87 -16.43 -19.91 -0.24
CA SER A 87 -17.03 -20.33 1.03
C SER A 87 -18.22 -19.45 1.39
N ALA A 88 -18.13 -18.14 1.13
CA ALA A 88 -19.23 -17.24 1.40
C ALA A 88 -20.47 -17.63 0.60
N ILE A 89 -20.31 -17.86 -0.70
CA ILE A 89 -21.44 -18.22 -1.56
C ILE A 89 -22.02 -19.58 -1.15
N GLU A 90 -21.17 -20.50 -0.69
CA GLU A 90 -21.65 -21.81 -0.28
C GLU A 90 -22.59 -21.73 0.92
N GLN A 91 -22.52 -20.68 1.71
CA GLN A 91 -23.39 -20.50 2.87
C GLN A 91 -24.47 -19.43 2.61
N GLY A 92 -24.96 -19.36 1.39
CA GLY A 92 -26.12 -18.52 1.10
C GLY A 92 -25.87 -17.03 1.13
N ILE A 93 -24.70 -16.58 0.68
CA ILE A 93 -24.38 -15.16 0.57
C ILE A 93 -24.27 -14.80 -0.91
N SER A 94 -24.87 -13.68 -1.29
CA SER A 94 -24.82 -13.19 -2.65
C SER A 94 -23.73 -12.12 -2.72
N VAL A 95 -22.75 -12.31 -3.60
CA VAL A 95 -21.59 -11.44 -3.66
C VAL A 95 -21.37 -11.01 -5.10
N VAL A 96 -21.24 -9.69 -5.30
CA VAL A 96 -20.74 -9.15 -6.55
C VAL A 96 -19.40 -8.48 -6.28
N CYS A 97 -18.75 -8.03 -7.35
CA CYS A 97 -17.46 -7.36 -7.24
C CYS A 97 -17.53 -6.02 -7.95
N PHE A 98 -16.86 -5.04 -7.35
CA PHE A 98 -16.82 -3.67 -7.89
C PHE A 98 -15.38 -3.18 -7.88
N ASP A 99 -15.03 -2.30 -8.81
CA ASP A 99 -13.69 -1.68 -8.94
C ASP A 99 -12.63 -2.72 -9.33
N SER A 100 -12.24 -3.60 -8.41
CA SER A 100 -11.31 -4.71 -8.70
C SER A 100 -12.06 -6.03 -8.56
N ASP A 101 -12.02 -6.82 -9.61
CA ASP A 101 -12.77 -8.06 -9.73
C ASP A 101 -11.92 -9.26 -9.34
N SER A 102 -12.59 -10.30 -8.86
CA SER A 102 -12.01 -11.63 -8.70
C SER A 102 -12.67 -12.54 -9.72
N PRO A 103 -12.22 -12.54 -10.98
CA PRO A 103 -13.00 -13.19 -12.03
C PRO A 103 -12.97 -14.71 -11.98
N THR A 104 -11.88 -15.30 -11.50
CA THR A 104 -11.80 -16.75 -11.38
C THR A 104 -12.73 -17.30 -10.30
N SER A 105 -13.37 -16.43 -9.52
CA SER A 105 -14.24 -16.83 -8.42
C SER A 105 -15.62 -17.17 -8.95
N ASN A 106 -16.57 -17.41 -8.04
CA ASN A 106 -17.96 -17.66 -8.42
C ASN A 106 -18.86 -16.46 -8.14
N ARG A 107 -18.30 -15.23 -8.10
CA ARG A 107 -19.12 -14.02 -7.95
C ARG A 107 -20.13 -13.90 -9.06
N SER A 108 -21.22 -13.27 -8.76
CA SER A 108 -22.28 -13.18 -9.71
C SER A 108 -22.12 -12.13 -10.79
N ALA A 109 -21.57 -10.98 -10.44
CA ALA A 109 -21.46 -9.90 -11.40
C ALA A 109 -20.25 -9.04 -11.07
N TYR A 110 -19.79 -8.29 -12.07
CA TYR A 110 -18.76 -7.29 -11.88
C TYR A 110 -19.26 -5.94 -12.35
N LEU A 111 -19.00 -4.91 -11.56
CA LEU A 111 -19.40 -3.54 -11.87
C LEU A 111 -18.14 -2.68 -11.79
N GLY A 112 -17.57 -2.34 -12.93
CA GLY A 112 -16.33 -1.59 -12.94
C GLY A 112 -16.07 -0.95 -14.28
N THR A 113 -14.92 -0.29 -14.37
CA THR A 113 -14.55 0.43 -15.57
C THR A 113 -14.24 -0.52 -16.71
N GLY A 114 -14.91 -0.31 -17.85
CA GLY A 114 -14.46 -0.92 -19.08
C GLY A 114 -13.19 -0.24 -19.54
N ASN A 115 -12.03 -0.85 -19.24
CA ASN A 115 -10.76 -0.16 -19.42
C ASN A 115 -10.44 0.06 -20.90
N TYR A 116 -10.81 -0.91 -21.76
CA TYR A 116 -10.66 -0.69 -23.19
C TYR A 116 -11.55 0.45 -23.66
N ALA A 117 -12.81 0.45 -23.23
CA ALA A 117 -13.71 1.55 -23.56
C ALA A 117 -13.21 2.86 -22.97
N ALA A 118 -12.60 2.82 -21.78
CA ALA A 118 -12.08 4.02 -21.15
C ALA A 118 -10.97 4.64 -22.00
N GLY A 119 -10.14 3.81 -22.64
CA GLY A 119 -9.11 4.33 -23.52
C GLY A 119 -9.68 5.03 -24.73
N GLN A 120 -10.76 4.47 -25.30
CA GLN A 120 -11.39 5.10 -26.45
C GLN A 120 -11.95 6.47 -26.09
N LYS A 121 -12.59 6.58 -24.91
CA LYS A 121 -13.13 7.87 -24.48
C LYS A 121 -12.01 8.87 -24.24
N ALA A 122 -10.90 8.42 -23.63
CA ALA A 122 -9.76 9.31 -23.43
C ALA A 122 -9.21 9.80 -24.76
N ALA A 123 -9.20 8.94 -25.78
CA ALA A 123 -8.76 9.36 -27.11
C ALA A 123 -9.77 10.31 -27.76
N GLU A 124 -11.07 10.11 -27.48
CA GLU A 124 -12.09 11.03 -28.01
C GLU A 124 -11.89 12.46 -27.52
N PHE A 125 -11.21 12.65 -26.39
CA PHE A 125 -11.00 13.96 -25.81
C PHE A 125 -9.62 14.53 -26.11
N LEU A 126 -8.57 13.72 -26.02
CA LEU A 126 -7.21 14.22 -26.16
C LEU A 126 -6.85 14.48 -27.63
N VAL A 127 -7.30 13.62 -28.55
CA VAL A 127 -6.90 13.70 -29.95
C VAL A 127 -7.45 14.97 -30.60
N PRO A 128 -8.71 15.36 -30.39
CA PRO A 128 -9.15 16.65 -30.91
C PRO A 128 -8.38 17.83 -30.35
N LEU A 129 -7.88 17.73 -29.12
CA LEU A 129 -7.10 18.82 -28.54
C LEU A 129 -5.81 19.06 -29.31
N VAL A 130 -5.22 18.01 -29.87
CA VAL A 130 -4.04 18.14 -30.71
C VAL A 130 -4.41 18.15 -32.20
N ASN A 131 -5.70 18.38 -32.50
CA ASN A 131 -6.18 18.61 -33.86
C ASN A 131 -5.89 17.42 -34.78
N TYR A 132 -5.98 16.20 -34.23
CA TYR A 132 -5.95 14.96 -35.00
C TYR A 132 -4.62 14.73 -35.69
N LYS A 133 -3.56 15.43 -35.30
CA LYS A 133 -2.24 15.26 -35.88
C LYS A 133 -1.21 15.21 -34.77
N GLY A 134 -0.01 14.73 -35.12
CA GLY A 134 1.10 14.70 -34.19
C GLY A 134 1.23 13.38 -33.46
N LYS A 135 2.20 13.35 -32.56
CA LYS A 135 2.44 12.18 -31.76
C LYS A 135 1.98 12.33 -30.34
N ILE A 136 1.41 11.29 -29.80
CA ILE A 136 0.88 11.31 -28.43
C ILE A 136 1.68 10.32 -27.60
N ALA A 137 2.31 10.82 -26.53
CA ALA A 137 3.03 9.96 -25.60
C ALA A 137 2.05 9.34 -24.61
N VAL A 138 2.14 8.03 -24.44
CA VAL A 138 1.29 7.29 -23.52
C VAL A 138 2.16 6.72 -22.41
N LEU A 139 1.94 7.21 -21.19
CA LEU A 139 2.71 6.80 -20.01
C LEU A 139 1.84 5.81 -19.23
N TYR A 140 2.29 4.56 -19.15
CA TYR A 140 1.49 3.51 -18.55
C TYR A 140 2.42 2.46 -17.95
N THR A 141 1.85 1.64 -17.06
CA THR A 141 2.58 0.56 -16.43
C THR A 141 2.55 -0.65 -17.35
N VAL A 142 3.70 -0.99 -17.94
CA VAL A 142 3.81 -2.18 -18.76
C VAL A 142 3.60 -3.41 -17.88
N GLY A 143 2.67 -4.27 -18.28
CA GLY A 143 2.34 -5.46 -17.53
C GLY A 143 1.03 -5.38 -16.76
N ALA A 144 0.55 -4.18 -16.48
CA ALA A 144 -0.72 -4.00 -15.77
C ALA A 144 -1.88 -4.23 -16.74
N GLU A 145 -2.78 -5.14 -16.39
CA GLU A 145 -3.84 -5.56 -17.31
C GLU A 145 -4.73 -4.40 -17.70
N ASN A 146 -5.14 -3.57 -16.73
CA ASN A 146 -6.05 -2.47 -17.05
C ASN A 146 -5.34 -1.38 -17.85
N SER A 147 -4.09 -1.09 -17.51
CA SER A 147 -3.32 -0.10 -18.25
C SER A 147 -3.14 -0.51 -19.71
N GLU A 148 -2.80 -1.78 -19.94
CA GLU A 148 -2.65 -2.28 -21.31
C GLU A 148 -3.98 -2.20 -22.06
N SER A 149 -5.09 -2.44 -21.37
CA SER A 149 -6.39 -2.34 -22.03
C SER A 149 -6.73 -0.89 -22.38
N ARG A 150 -6.32 0.06 -21.53
CA ARG A 150 -6.56 1.46 -21.84
C ARG A 150 -5.70 1.92 -23.01
N VAL A 151 -4.46 1.45 -23.08
CA VAL A 151 -3.60 1.80 -24.21
C VAL A 151 -4.14 1.18 -25.50
N GLN A 152 -4.64 -0.05 -25.42
CA GLN A 152 -5.18 -0.70 -26.62
C GLN A 152 -6.41 0.02 -27.14
N GLY A 153 -7.34 0.39 -26.25
CA GLY A 153 -8.49 1.17 -26.67
C GLY A 153 -8.09 2.52 -27.22
N PHE A 154 -7.09 3.16 -26.60
CA PHE A 154 -6.59 4.43 -27.10
C PHE A 154 -5.98 4.27 -28.48
N GLU A 155 -5.09 3.29 -28.64
CA GLU A 155 -4.42 3.09 -29.92
C GLU A 155 -5.41 2.67 -31.01
N ASP A 156 -6.39 1.83 -30.66
CA ASP A 156 -7.36 1.39 -31.65
C ASP A 156 -8.23 2.54 -32.12
N TRP A 157 -8.69 3.39 -31.20
CA TRP A 157 -9.47 4.56 -31.58
C TRP A 157 -8.67 5.46 -32.52
N CYS A 158 -7.38 5.62 -32.25
CA CYS A 158 -6.54 6.46 -33.11
C CYS A 158 -6.38 5.86 -34.49
N LYS A 159 -6.25 4.53 -34.57
CA LYS A 159 -6.05 3.89 -35.87
C LYS A 159 -7.29 3.99 -36.75
N GLN A 160 -8.47 4.09 -36.15
CA GLN A 160 -9.70 4.16 -36.93
C GLN A 160 -10.17 5.57 -37.20
N ASN A 161 -9.90 6.51 -36.29
CA ASN A 161 -10.45 7.86 -36.39
C ASN A 161 -9.39 8.95 -36.58
N ALA A 162 -8.13 8.71 -36.23
CA ALA A 162 -7.07 9.71 -36.34
C ALA A 162 -5.84 9.05 -36.97
N PRO A 163 -5.88 8.78 -38.28
CA PRO A 163 -4.75 8.07 -38.91
C PRO A 163 -3.44 8.84 -38.87
N GLU A 164 -3.49 10.17 -38.86
CA GLU A 164 -2.27 10.97 -38.81
C GLU A 164 -1.65 11.00 -37.43
N VAL A 165 -2.29 10.42 -36.42
CA VAL A 165 -1.79 10.41 -35.05
C VAL A 165 -1.03 9.11 -34.81
N SER A 166 0.16 9.22 -34.24
CA SER A 166 0.96 8.07 -33.85
C SER A 166 1.27 8.17 -32.35
N LEU A 167 1.67 7.04 -31.78
CA LEU A 167 1.92 6.96 -30.35
C LEU A 167 3.36 6.52 -30.08
N VAL A 168 3.88 6.95 -28.94
CA VAL A 168 5.11 6.42 -28.37
C VAL A 168 4.77 5.86 -26.99
N LYS A 169 5.05 4.58 -26.78
CA LYS A 169 4.73 3.92 -25.52
C LYS A 169 5.86 4.15 -24.53
N VAL A 170 5.51 4.65 -23.34
CA VAL A 170 6.47 4.95 -22.30
C VAL A 170 6.05 4.21 -21.04
N ASN A 171 6.96 3.39 -20.51
CA ASN A 171 6.71 2.62 -19.31
C ASN A 171 7.02 3.45 -18.07
N ASP A 172 6.09 3.47 -17.12
CA ASP A 172 6.34 4.14 -15.85
C ASP A 172 6.91 3.21 -14.79
N ALA A 173 6.82 1.90 -14.99
CA ALA A 173 7.40 0.89 -14.10
C ALA A 173 6.91 1.00 -12.67
N GLY A 174 5.73 1.58 -12.46
CA GLY A 174 5.17 1.72 -11.13
C GLY A 174 6.00 2.57 -10.18
N ASP A 175 6.89 3.40 -10.71
CA ASP A 175 7.75 4.24 -9.89
C ASP A 175 7.80 5.63 -10.49
N THR A 176 7.62 6.65 -9.64
CA THR A 176 7.57 8.03 -10.13
C THR A 176 8.92 8.48 -10.67
N THR A 177 10.02 8.06 -10.05
CA THR A 177 11.34 8.50 -10.49
C THR A 177 11.70 7.89 -11.84
N VAL A 178 11.46 6.58 -12.01
CA VAL A 178 11.73 5.94 -13.29
C VAL A 178 10.79 6.45 -14.37
N ALA A 179 9.54 6.77 -14.00
CA ALA A 179 8.57 7.26 -14.98
C ALA A 179 8.99 8.61 -15.55
N ALA A 180 9.35 9.55 -14.68
CA ALA A 180 9.75 10.87 -15.15
C ALA A 180 11.00 10.82 -16.02
N ASP A 181 11.90 9.86 -15.74
CA ASP A 181 13.09 9.72 -16.55
C ASP A 181 12.76 9.19 -17.94
N ASN A 182 11.90 8.16 -18.02
CA ASN A 182 11.53 7.59 -19.30
C ASN A 182 10.73 8.58 -20.14
N LEU A 183 9.88 9.40 -19.50
CA LEU A 183 9.15 10.40 -20.25
C LEU A 183 10.05 11.53 -20.73
N ALA A 184 11.09 11.86 -19.96
CA ALA A 184 12.05 12.86 -20.40
C ALA A 184 12.78 12.41 -21.65
N ALA A 185 13.23 11.15 -21.67
CA ALA A 185 13.92 10.62 -22.84
C ALA A 185 12.99 10.52 -24.05
N ALA A 186 11.71 10.23 -23.81
CA ALA A 186 10.76 10.17 -24.92
C ALA A 186 10.58 11.55 -25.57
N LEU A 187 10.51 12.60 -24.76
CA LEU A 187 10.37 13.95 -25.31
C LEU A 187 11.63 14.39 -26.03
N GLN A 188 12.80 13.86 -25.66
CA GLN A 188 14.04 14.26 -26.30
C GLN A 188 14.16 13.64 -27.70
N ALA A 189 13.71 12.40 -27.87
CA ALA A 189 13.88 11.69 -29.13
C ALA A 189 12.74 11.93 -30.12
N ASN A 190 11.59 12.41 -29.65
CA ASN A 190 10.41 12.61 -30.50
C ASN A 190 10.01 14.08 -30.43
N ASP A 191 10.36 14.85 -31.44
CA ASP A 191 10.03 16.28 -31.49
C ASP A 191 8.62 16.53 -32.00
N ASP A 192 7.93 15.50 -32.51
CA ASP A 192 6.56 15.64 -32.98
C ASP A 192 5.54 15.28 -31.91
N ILE A 193 5.97 15.10 -30.66
CA ILE A 193 5.04 14.81 -29.58
C ILE A 193 4.23 16.05 -29.27
N VAL A 194 2.90 15.90 -29.28
CA VAL A 194 1.99 17.00 -29.00
C VAL A 194 1.07 16.74 -27.82
N GLY A 195 1.04 15.51 -27.30
CA GLY A 195 0.14 15.19 -26.20
C GLY A 195 0.69 14.07 -25.35
N VAL A 196 0.20 14.01 -24.11
CA VAL A 196 0.61 12.99 -23.14
C VAL A 196 -0.63 12.47 -22.44
N PHE A 197 -0.92 11.19 -22.59
CA PHE A 197 -1.99 10.52 -21.87
C PHE A 197 -1.40 9.75 -20.70
N CYS A 198 -1.75 10.15 -19.49
CA CYS A 198 -1.28 9.49 -18.28
C CYS A 198 -2.30 8.43 -17.88
N VAL A 199 -1.96 7.17 -18.06
CA VAL A 199 -2.91 6.06 -17.86
C VAL A 199 -3.18 5.63 -16.43
N ASP A 200 -2.19 5.74 -15.61
CA ASP A 200 -2.35 5.39 -14.24
C ASP A 200 -1.88 6.45 -13.28
N GLY A 201 -1.98 6.17 -12.00
CA GLY A 201 -1.57 7.10 -10.98
C GLY A 201 -0.14 7.49 -11.02
N VAL A 202 0.73 6.54 -11.13
CA VAL A 202 2.12 6.87 -11.27
C VAL A 202 2.32 7.83 -12.45
N ALA A 203 1.62 7.60 -13.56
CA ALA A 203 1.75 8.46 -14.73
C ALA A 203 1.17 9.84 -14.47
N GLY A 204 0.11 9.94 -13.66
CA GLY A 204 -0.47 11.23 -13.34
C GLY A 204 0.43 12.11 -12.50
N THR A 205 1.46 11.54 -11.88
CA THR A 205 2.42 12.29 -11.08
C THR A 205 3.66 12.65 -11.88
N ALA A 206 4.39 11.65 -12.37
CA ALA A 206 5.62 11.90 -13.11
C ALA A 206 5.36 12.48 -14.50
N GLY A 207 4.15 12.33 -15.02
CA GLY A 207 3.78 12.88 -16.29
C GLY A 207 3.93 14.39 -16.36
N PRO A 208 3.12 15.11 -15.57
CA PRO A 208 3.22 16.58 -15.58
C PRO A 208 4.59 17.12 -15.21
N THR A 209 5.31 16.44 -14.31
CA THR A 209 6.64 16.91 -13.92
C THR A 209 7.61 16.85 -15.09
N ALA A 210 7.65 15.72 -15.79
CA ALA A 210 8.53 15.59 -16.95
C ALA A 210 8.13 16.54 -18.06
N VAL A 211 6.85 16.89 -18.16
CA VAL A 211 6.40 17.85 -19.15
C VAL A 211 6.82 19.26 -18.77
N ALA A 212 6.70 19.61 -17.49
CA ALA A 212 7.10 20.95 -17.04
C ALA A 212 8.60 21.16 -17.20
N GLU A 213 9.41 20.17 -16.81
CA GLU A 213 10.85 20.29 -16.95
C GLU A 213 11.24 20.39 -18.42
N SER A 214 10.52 19.65 -19.27
CA SER A 214 10.65 19.78 -20.72
C SER A 214 10.45 21.21 -21.21
N LYS A 215 9.66 22.00 -20.48
CA LYS A 215 9.27 23.35 -20.90
C LYS A 215 8.64 23.35 -22.29
N LYS A 216 7.85 22.32 -22.58
CA LYS A 216 7.07 22.26 -23.82
C LYS A 216 5.58 22.32 -23.49
N ASP A 217 4.83 23.05 -24.31
CA ASP A 217 3.40 23.23 -24.11
C ASP A 217 2.67 22.09 -24.80
N LEU A 218 2.34 21.05 -24.05
CA LEU A 218 1.67 19.87 -24.58
C LEU A 218 0.30 19.70 -23.94
N ARG A 219 -0.58 18.99 -24.64
CA ARG A 219 -1.90 18.65 -24.11
C ARG A 219 -1.78 17.38 -23.27
N VAL A 220 -2.14 17.48 -21.99
CA VAL A 220 -1.97 16.39 -21.04
C VAL A 220 -3.35 15.94 -20.55
N LEU A 221 -3.57 14.63 -20.54
CA LEU A 221 -4.76 14.03 -19.96
C LEU A 221 -4.33 12.98 -18.95
N ALA A 222 -4.77 13.13 -17.71
CA ALA A 222 -4.40 12.24 -16.63
C ALA A 222 -5.52 11.24 -16.37
N PHE A 223 -5.39 10.45 -15.30
CA PHE A 223 -6.38 9.46 -14.93
C PHE A 223 -6.75 9.61 -13.46
N ASP A 224 -8.00 9.27 -13.15
CA ASP A 224 -8.54 9.29 -11.79
C ASP A 224 -8.58 10.71 -11.22
N VAL A 225 -9.07 10.84 -9.99
CA VAL A 225 -9.38 12.15 -9.43
C VAL A 225 -8.60 12.39 -8.14
N ASP A 226 -7.29 12.19 -8.18
CA ASP A 226 -6.46 12.57 -7.05
C ASP A 226 -6.44 14.08 -6.90
N VAL A 227 -6.30 14.54 -5.65
CA VAL A 227 -6.32 15.97 -5.38
C VAL A 227 -5.19 16.68 -6.11
N THR A 228 -4.03 16.00 -6.23
CA THR A 228 -2.94 16.55 -7.03
C THR A 228 -3.36 16.75 -8.48
N VAL A 229 -4.06 15.78 -9.06
CA VAL A 229 -4.46 15.88 -10.45
C VAL A 229 -5.58 16.91 -10.61
N LEU A 230 -6.56 16.89 -9.69
CA LEU A 230 -7.66 17.84 -9.77
C LEU A 230 -7.16 19.28 -9.72
N ASP A 231 -6.15 19.55 -8.89
CA ASP A 231 -5.60 20.90 -8.81
C ASP A 231 -4.91 21.30 -10.10
N LYS A 232 -4.27 20.34 -10.78
CA LYS A 232 -3.65 20.64 -12.07
C LYS A 232 -4.69 20.93 -13.15
N VAL A 233 -5.88 20.33 -13.04
CA VAL A 233 -6.94 20.62 -13.99
C VAL A 233 -7.48 22.03 -13.78
N LYS A 234 -7.66 22.43 -12.51
CA LYS A 234 -8.21 23.76 -12.24
C LYS A 234 -7.23 24.86 -12.59
N SER A 235 -5.95 24.67 -12.24
CA SER A 235 -4.95 25.68 -12.54
C SER A 235 -4.64 25.76 -14.03
N GLY A 236 -4.95 24.71 -14.79
CA GLY A 236 -4.67 24.68 -16.21
C GLY A 236 -3.35 24.06 -16.60
N GLU A 237 -2.67 23.38 -15.67
CA GLU A 237 -1.43 22.71 -16.03
C GLU A 237 -1.69 21.54 -16.98
N ILE A 238 -2.75 20.77 -16.71
CA ILE A 238 -3.21 19.72 -17.61
C ILE A 238 -4.60 20.07 -18.09
N ASP A 239 -5.05 19.39 -19.15
CA ASP A 239 -6.33 19.71 -19.76
C ASP A 239 -7.49 18.95 -19.14
N GLY A 240 -7.23 17.85 -18.46
CA GLY A 240 -8.30 17.10 -17.83
C GLY A 240 -7.81 15.79 -17.27
N THR A 241 -8.76 15.04 -16.70
CA THR A 241 -8.45 13.72 -16.17
C THR A 241 -9.67 12.82 -16.35
N VAL A 242 -9.41 11.52 -16.45
CA VAL A 242 -10.45 10.52 -16.67
C VAL A 242 -10.91 10.02 -15.31
N ALA A 243 -12.17 10.31 -14.97
CA ALA A 243 -12.76 9.85 -13.72
C ALA A 243 -13.58 8.59 -13.98
N GLN A 244 -13.36 7.58 -13.15
CA GLN A 244 -14.16 6.37 -13.24
C GLN A 244 -15.54 6.60 -12.63
N GLY A 245 -16.50 5.79 -13.07
CA GLY A 245 -17.86 5.88 -12.55
C GLY A 245 -17.98 5.31 -11.14
N MET A 246 -17.30 5.95 -10.19
CA MET A 246 -17.26 5.43 -8.82
C MET A 246 -18.64 5.44 -8.18
N TYR A 247 -19.41 6.52 -8.38
CA TYR A 247 -20.77 6.56 -7.86
C TYR A 247 -21.63 5.44 -8.46
N ASN A 248 -21.51 5.22 -9.78
CA ASN A 248 -22.26 4.15 -10.42
C ASN A 248 -21.87 2.78 -9.89
N MET A 249 -20.61 2.62 -9.51
CA MET A 249 -20.15 1.32 -8.98
C MET A 249 -20.87 0.98 -7.69
N GLY A 250 -21.06 1.95 -6.80
CA GLY A 250 -21.74 1.70 -5.55
C GLY A 250 -23.24 1.64 -5.70
N TYR A 251 -23.80 2.51 -6.54
CA TYR A 251 -25.24 2.58 -6.73
C TYR A 251 -25.78 1.24 -7.25
N TRP A 252 -25.27 0.79 -8.39
CA TRP A 252 -25.82 -0.39 -9.04
C TRP A 252 -25.33 -1.70 -8.46
N SER A 253 -24.31 -1.67 -7.59
CA SER A 253 -23.87 -2.90 -6.95
C SER A 253 -24.93 -3.44 -5.98
N LEU A 254 -25.57 -2.54 -5.23
CA LEU A 254 -26.60 -2.98 -4.29
C LEU A 254 -27.88 -3.40 -5.01
N MET A 255 -28.16 -2.81 -6.17
CA MET A 255 -29.31 -3.23 -6.96
C MET A 255 -29.20 -4.70 -7.36
N MET A 256 -28.02 -5.09 -7.87
CA MET A 256 -27.82 -6.48 -8.24
C MET A 256 -27.73 -7.37 -7.00
N LEU A 257 -27.16 -6.85 -5.91
CA LEU A 257 -26.99 -7.65 -4.71
C LEU A 257 -28.33 -7.93 -4.04
N TYR A 258 -29.20 -6.92 -3.95
CA TYR A 258 -30.50 -7.15 -3.36
C TYR A 258 -31.37 -8.03 -4.24
N THR A 259 -31.31 -7.84 -5.56
CA THR A 259 -32.14 -8.62 -6.47
C THR A 259 -31.78 -10.10 -6.38
N GLU A 260 -30.50 -10.41 -6.13
CA GLU A 260 -30.09 -11.79 -5.94
C GLU A 260 -30.41 -12.27 -4.52
N ALA A 261 -30.30 -11.38 -3.54
CA ALA A 261 -30.47 -11.76 -2.13
C ALA A 261 -31.82 -12.44 -1.91
N ASN A 262 -32.90 -11.80 -2.35
CA ASN A 262 -34.24 -12.40 -2.23
C ASN A 262 -34.58 -13.24 -3.46
N GLY A 263 -34.57 -12.63 -4.64
CA GLY A 263 -34.87 -13.34 -5.87
C GLY A 263 -36.00 -12.74 -6.67
N LEU A 264 -35.93 -11.44 -6.93
CA LEU A 264 -36.93 -10.76 -7.74
C LEU A 264 -36.63 -10.81 -9.23
N SER A 265 -35.68 -11.64 -9.64
CA SER A 265 -35.41 -11.91 -11.04
C SER A 265 -35.29 -13.42 -11.22
N SER A 266 -35.93 -13.95 -12.27
CA SER A 266 -35.97 -15.40 -12.44
C SER A 266 -34.66 -15.97 -12.97
N LYS A 267 -33.80 -15.15 -13.57
CA LYS A 267 -32.52 -15.59 -14.10
C LYS A 267 -31.39 -14.98 -13.29
N ALA A 268 -30.18 -15.50 -13.53
CA ALA A 268 -28.99 -14.91 -12.94
C ALA A 268 -28.80 -13.48 -13.42
N LEU A 269 -28.05 -12.70 -12.63
CA LEU A 269 -27.85 -11.30 -12.92
C LEU A 269 -26.93 -11.13 -14.11
N PRO A 270 -26.97 -9.96 -14.76
CA PRO A 270 -25.98 -9.68 -15.82
C PRO A 270 -24.58 -9.69 -15.24
N GLY A 271 -23.64 -10.22 -16.04
CA GLY A 271 -22.31 -10.50 -15.51
C GLY A 271 -21.40 -9.30 -15.40
N ASN A 272 -21.53 -8.34 -16.31
CA ASN A 272 -20.58 -7.22 -16.37
C ASN A 272 -21.34 -5.93 -16.63
N LEU A 273 -21.13 -4.94 -15.77
CA LEU A 273 -21.64 -3.60 -15.98
C LEU A 273 -20.46 -2.64 -16.12
N ASP A 274 -20.36 -1.99 -17.27
CA ASP A 274 -19.33 -0.98 -17.51
C ASP A 274 -19.85 0.34 -16.97
N THR A 275 -19.33 0.75 -15.81
CA THR A 275 -19.79 1.98 -15.17
C THR A 275 -19.31 3.23 -15.89
N GLY A 276 -18.45 3.10 -16.90
CA GLY A 276 -18.09 4.22 -17.74
C GLY A 276 -17.11 5.16 -17.09
N VAL A 277 -16.75 6.20 -17.86
CA VAL A 277 -15.82 7.23 -17.41
C VAL A 277 -16.40 8.60 -17.74
N VAL A 278 -15.90 9.60 -17.03
CA VAL A 278 -16.28 11.00 -17.24
C VAL A 278 -15.01 11.82 -17.34
N ILE A 279 -14.90 12.63 -18.39
CA ILE A 279 -13.76 13.51 -18.57
C ILE A 279 -13.94 14.73 -17.67
N VAL A 280 -13.00 14.92 -16.75
CA VAL A 280 -13.08 16.00 -15.78
C VAL A 280 -12.23 17.16 -16.30
N THR A 281 -12.88 18.27 -16.64
CA THR A 281 -12.20 19.48 -17.06
C THR A 281 -12.52 20.59 -16.06
N LYS A 282 -12.22 21.83 -16.46
CA LYS A 282 -12.53 22.99 -15.62
C LYS A 282 -14.03 23.13 -15.41
N ASP A 283 -14.84 22.61 -16.34
CA ASP A 283 -16.29 22.80 -16.28
C ASP A 283 -16.93 21.98 -15.16
N ASN A 284 -16.33 20.86 -14.77
CA ASN A 284 -16.95 19.97 -13.80
C ASN A 284 -15.96 19.50 -12.73
N VAL A 285 -14.83 20.17 -12.57
CA VAL A 285 -13.83 19.71 -11.59
C VAL A 285 -14.31 19.92 -10.16
N ASP A 286 -15.20 20.88 -9.93
CA ASP A 286 -15.72 21.11 -8.58
C ASP A 286 -16.57 19.94 -8.11
N GLU A 287 -17.22 19.23 -9.04
CA GLU A 287 -18.08 18.11 -8.66
C GLU A 287 -17.29 16.92 -8.13
N TYR A 288 -15.98 16.89 -8.34
CA TYR A 288 -15.16 15.73 -7.99
C TYR A 288 -14.17 16.00 -6.86
N TYR A 289 -14.17 17.20 -6.28
CA TYR A 289 -13.31 17.47 -5.15
C TYR A 289 -13.84 16.77 -3.90
N PRO A 290 -12.97 16.19 -3.07
CA PRO A 290 -13.38 15.49 -1.85
C PRO A 290 -14.03 16.42 -0.83
N GLY B 4 36.05 -22.81 4.81
CA GLY B 4 35.89 -21.81 5.85
C GLY B 4 34.89 -20.73 5.51
N TYR B 5 35.22 -19.50 5.79
CA TYR B 5 34.34 -18.43 5.38
C TYR B 5 34.76 -17.89 4.02
N VAL B 6 35.68 -18.55 3.34
CA VAL B 6 36.05 -18.13 2.00
C VAL B 6 35.03 -18.80 1.16
N GLY B 7 34.09 -18.02 0.64
CA GLY B 7 32.99 -18.65 -0.07
C GLY B 7 33.16 -18.63 -1.58
N ASP B 8 32.25 -19.42 -2.18
CA ASP B 8 32.18 -19.54 -3.64
C ASP B 8 30.88 -18.95 -4.19
N PRO B 9 30.96 -18.23 -5.31
CA PRO B 9 29.77 -17.65 -5.91
C PRO B 9 28.83 -18.62 -6.55
N SER B 10 28.92 -19.88 -6.21
CA SER B 10 27.99 -20.83 -6.70
C SER B 10 27.00 -20.96 -5.60
N ASP B 11 27.42 -20.60 -4.41
CA ASP B 11 26.51 -20.62 -3.27
C ASP B 11 25.57 -19.44 -3.31
N GLU B 12 24.32 -19.66 -3.66
CA GLU B 12 23.30 -18.62 -3.79
C GLU B 12 22.49 -18.50 -2.50
N TYR B 13 22.29 -17.27 -2.05
CA TYR B 13 21.52 -16.99 -0.84
C TYR B 13 20.53 -15.88 -1.16
N TYR B 14 19.24 -16.15 -0.98
CA TYR B 14 18.20 -15.24 -1.40
C TYR B 14 17.69 -14.43 -0.21
N MET B 15 17.37 -13.17 -0.45
CA MET B 15 16.59 -12.35 0.47
C MET B 15 15.20 -12.21 -0.14
N VAL B 16 14.24 -12.94 0.41
CA VAL B 16 12.88 -13.01 -0.13
C VAL B 16 12.02 -12.05 0.67
N THR B 17 11.40 -11.10 -0.04
CA THR B 17 10.64 -10.02 0.57
C THR B 17 9.22 -9.99 0.04
N PHE B 18 8.41 -9.11 0.62
CA PHE B 18 7.12 -8.72 0.08
C PHE B 18 7.11 -7.22 -0.12
N LEU B 19 6.32 -6.76 -1.09
CA LEU B 19 6.41 -5.40 -1.61
C LEU B 19 7.86 -5.07 -1.98
N SER B 20 8.38 -5.85 -2.93
CA SER B 20 9.80 -5.83 -3.26
C SER B 20 10.30 -4.45 -3.66
N GLY B 21 9.43 -3.60 -4.22
CA GLY B 21 9.89 -2.35 -4.79
C GLY B 21 10.06 -1.20 -3.81
N ILE B 22 9.58 -1.33 -2.58
CA ILE B 22 9.66 -0.20 -1.64
C ILE B 22 11.11 0.02 -1.20
N ASP B 23 11.39 1.25 -0.79
CA ASP B 23 12.74 1.66 -0.43
C ASP B 23 13.24 0.99 0.84
N TYR B 24 12.34 0.46 1.68
CA TYR B 24 12.75 -0.10 2.96
C TYR B 24 13.74 -1.25 2.78
N TRP B 25 13.48 -2.15 1.82
CA TRP B 25 14.34 -3.30 1.63
C TRP B 25 15.71 -2.93 1.06
N LYS B 26 15.83 -1.74 0.44
CA LYS B 26 17.13 -1.33 -0.08
C LYS B 26 18.14 -1.14 1.04
N TYR B 27 17.72 -0.59 2.17
CA TYR B 27 18.61 -0.50 3.33
C TYR B 27 19.01 -1.90 3.79
N CYS B 28 18.09 -2.86 3.71
CA CYS B 28 18.38 -4.21 4.19
C CYS B 28 19.33 -4.95 3.25
N PHE B 29 19.12 -4.94 1.93
CA PHE B 29 20.02 -5.59 0.97
C PHE B 29 21.40 -5.01 0.91
N GLU B 30 21.54 -3.72 1.10
CA GLU B 30 22.84 -3.11 1.17
C GLU B 30 23.70 -3.72 2.29
N GLY B 31 23.10 -4.46 3.19
CA GLY B 31 23.87 -5.12 4.21
C GLY B 31 24.08 -6.55 3.86
N PHE B 32 23.10 -7.16 3.23
CA PHE B 32 23.18 -8.56 2.83
C PHE B 32 24.22 -8.73 1.74
N GLU B 33 24.70 -7.61 1.19
CA GLU B 33 25.65 -7.66 0.10
C GLU B 33 26.83 -6.97 0.57
N ASP B 34 27.00 -6.95 1.86
CA ASP B 34 28.21 -6.42 2.34
C ASP B 34 28.63 -7.66 3.08
N ALA B 35 27.71 -8.62 3.17
CA ALA B 35 28.01 -9.90 3.81
C ALA B 35 28.52 -10.85 2.76
N ALA B 36 27.85 -10.89 1.64
CA ALA B 36 28.32 -11.70 0.53
C ALA B 36 29.38 -10.97 -0.31
N LYS B 37 29.86 -9.83 0.17
CA LYS B 37 30.86 -9.05 -0.52
C LYS B 37 32.15 -9.29 0.18
N ALA B 38 32.11 -10.10 1.22
CA ALA B 38 33.37 -10.43 1.88
C ALA B 38 33.53 -11.88 2.24
N ILE B 39 32.46 -12.64 2.17
CA ILE B 39 32.62 -14.05 2.41
C ILE B 39 32.89 -14.53 1.01
N GLY B 40 32.38 -13.81 0.02
CA GLY B 40 32.57 -14.20 -1.36
C GLY B 40 31.57 -15.20 -1.89
N VAL B 41 30.30 -15.05 -1.53
CA VAL B 41 29.21 -15.87 -2.05
C VAL B 41 28.40 -14.94 -2.95
N THR B 42 27.29 -15.43 -3.50
CA THR B 42 26.44 -14.63 -4.35
C THR B 42 25.11 -14.39 -3.63
N ALA B 43 24.67 -13.14 -3.63
CA ALA B 43 23.43 -12.74 -2.97
C ALA B 43 22.50 -12.14 -4.02
N LYS B 44 21.40 -12.82 -4.29
CA LYS B 44 20.33 -12.31 -5.13
C LYS B 44 19.28 -11.62 -4.26
N TYR B 45 18.59 -10.66 -4.86
CA TYR B 45 17.46 -10.00 -4.22
C TYR B 45 16.21 -10.31 -5.05
N THR B 46 15.29 -11.06 -4.45
CA THR B 46 14.05 -11.46 -5.09
C THR B 46 12.93 -11.24 -4.09
N GLY B 47 11.69 -11.31 -4.55
CA GLY B 47 10.56 -11.19 -3.65
C GLY B 47 9.30 -10.86 -4.41
N GLN B 48 8.20 -10.87 -3.68
CA GLN B 48 6.91 -10.57 -4.28
C GLN B 48 6.74 -9.05 -4.41
N THR B 49 6.32 -8.61 -5.61
CA THR B 49 6.21 -7.18 -5.85
C THR B 49 5.09 -6.56 -5.03
N ASP B 50 4.06 -7.34 -4.74
CA ASP B 50 2.92 -6.91 -3.96
C ASP B 50 2.96 -7.59 -2.59
N THR B 51 1.91 -7.36 -1.81
CA THR B 51 1.76 -7.98 -0.50
C THR B 51 1.04 -9.32 -0.58
N ASP B 52 0.90 -9.89 -1.77
CA ASP B 52 0.03 -11.04 -1.96
C ASP B 52 0.56 -12.27 -1.23
N VAL B 53 -0.30 -12.89 -0.43
CA VAL B 53 0.09 -14.10 0.29
C VAL B 53 0.31 -15.24 -0.69
N SER B 54 -0.66 -15.47 -1.57
CA SER B 54 -0.49 -16.46 -2.64
C SER B 54 0.79 -16.23 -3.42
N GLY B 55 1.14 -14.96 -3.67
CA GLY B 55 2.33 -14.68 -4.45
C GLY B 55 3.61 -14.95 -3.69
N GLN B 56 3.67 -14.54 -2.42
CA GLN B 56 4.88 -14.78 -1.63
C GLN B 56 5.08 -16.28 -1.41
N VAL B 57 4.00 -17.00 -1.12
CA VAL B 57 4.10 -18.46 -1.04
C VAL B 57 4.58 -19.04 -2.36
N ALA B 58 4.11 -18.48 -3.47
CA ALA B 58 4.51 -18.99 -4.78
C ALA B 58 5.97 -18.68 -5.07
N VAL B 59 6.46 -17.51 -4.64
CA VAL B 59 7.83 -17.13 -4.98
C VAL B 59 8.82 -17.83 -4.06
N LEU B 60 8.41 -18.22 -2.85
CA LEU B 60 9.30 -18.98 -1.99
C LEU B 60 9.25 -20.47 -2.31
N GLU B 61 8.10 -20.96 -2.77
CA GLU B 61 8.04 -22.33 -3.29
C GLU B 61 8.90 -22.46 -4.54
N GLN B 62 8.98 -21.40 -5.34
CA GLN B 62 9.88 -21.35 -6.49
C GLN B 62 11.30 -21.06 -6.05
N VAL B 63 11.49 -20.32 -4.96
CA VAL B 63 12.82 -20.14 -4.39
C VAL B 63 13.38 -21.48 -3.95
N ILE B 64 12.52 -22.34 -3.38
CA ILE B 64 12.94 -23.68 -3.03
C ILE B 64 13.27 -24.49 -4.28
N ALA B 65 12.62 -24.20 -5.41
CA ALA B 65 12.91 -24.93 -6.64
C ALA B 65 14.35 -24.73 -7.08
N GLN B 66 14.88 -23.52 -6.93
CA GLN B 66 16.28 -23.28 -7.29
C GLN B 66 17.25 -23.86 -6.27
N LYS B 67 16.75 -24.45 -5.18
CA LYS B 67 17.54 -25.14 -4.16
C LYS B 67 18.73 -24.30 -3.69
N PRO B 68 18.51 -23.25 -2.90
CA PRO B 68 19.62 -22.47 -2.36
C PRO B 68 20.08 -23.03 -1.01
N LYS B 69 21.33 -22.72 -0.68
CA LYS B 69 21.86 -23.13 0.61
C LYS B 69 21.15 -22.42 1.76
N GLY B 70 20.62 -21.22 1.49
CA GLY B 70 19.98 -20.45 2.54
C GLY B 70 19.14 -19.30 2.04
N ILE B 71 18.00 -19.08 2.66
CA ILE B 71 17.09 -18.00 2.30
C ILE B 71 16.82 -17.18 3.55
N ALA B 72 17.07 -15.87 3.46
CA ALA B 72 16.67 -14.92 4.50
C ALA B 72 15.37 -14.27 4.04
N VAL B 73 14.27 -14.60 4.70
CA VAL B 73 12.94 -14.25 4.22
C VAL B 73 12.20 -13.48 5.30
N THR B 74 11.51 -12.42 4.89
CA THR B 74 10.56 -11.72 5.74
C THR B 74 9.16 -12.14 5.29
N ALA B 75 8.40 -12.72 6.22
CA ALA B 75 7.10 -13.29 5.87
C ALA B 75 6.02 -12.22 5.90
N VAL B 76 5.09 -12.31 4.94
CA VAL B 76 3.98 -11.38 4.88
C VAL B 76 3.03 -11.60 6.07
N ASN B 77 2.93 -12.83 6.56
CA ASN B 77 2.07 -13.16 7.68
C ASN B 77 2.85 -13.98 8.70
N SER B 78 2.35 -13.99 9.94
CA SER B 78 3.04 -14.68 11.02
C SER B 78 2.79 -16.18 11.03
N THR B 79 1.72 -16.66 10.38
CA THR B 79 1.40 -18.08 10.40
C THR B 79 1.12 -18.65 9.01
N ALA B 80 1.16 -17.84 7.96
CA ALA B 80 0.81 -18.32 6.62
C ALA B 80 1.99 -19.04 5.98
N LEU B 81 3.18 -18.45 6.05
CA LEU B 81 4.38 -19.05 5.49
C LEU B 81 4.95 -20.17 6.36
N ALA B 82 4.19 -20.61 7.36
CA ALA B 82 4.63 -21.71 8.22
C ALA B 82 4.97 -22.95 7.42
N ASP B 83 4.01 -23.42 6.61
CA ASP B 83 4.20 -24.70 5.91
C ASP B 83 5.16 -24.57 4.74
N THR B 84 5.12 -23.43 4.03
CA THR B 84 6.00 -23.25 2.88
C THR B 84 7.47 -23.17 3.28
N ILE B 85 7.75 -22.78 4.52
CA ILE B 85 9.13 -22.68 4.99
C ILE B 85 9.65 -23.98 5.61
N ASN B 86 8.75 -24.87 6.03
CA ASN B 86 9.18 -26.15 6.60
C ASN B 86 9.58 -27.12 5.48
N SER B 87 8.78 -27.20 4.42
CA SER B 87 9.16 -27.97 3.24
C SER B 87 10.56 -27.59 2.77
N ALA B 88 10.90 -26.30 2.85
CA ALA B 88 12.25 -25.88 2.50
C ALA B 88 13.28 -26.56 3.39
N ILE B 89 13.05 -26.55 4.71
CA ILE B 89 13.98 -27.17 5.63
C ILE B 89 14.02 -28.68 5.43
N GLU B 90 12.88 -29.28 5.08
CA GLU B 90 12.83 -30.73 4.88
C GLU B 90 13.70 -31.19 3.72
N GLN B 91 13.99 -30.31 2.77
CA GLN B 91 14.83 -30.63 1.62
C GLN B 91 16.20 -29.95 1.71
N GLY B 92 16.73 -29.83 2.93
CA GLY B 92 18.10 -29.38 3.13
C GLY B 92 18.37 -27.93 2.84
N ILE B 93 17.42 -27.04 3.16
CA ILE B 93 17.62 -25.60 3.06
C ILE B 93 17.61 -25.01 4.46
N SER B 94 18.57 -24.15 4.75
CA SER B 94 18.67 -23.48 6.04
C SER B 94 18.09 -22.07 5.90
N VAL B 95 17.10 -21.74 6.72
CA VAL B 95 16.38 -20.48 6.58
C VAL B 95 16.32 -19.78 7.93
N VAL B 96 16.67 -18.50 7.93
CA VAL B 96 16.41 -17.62 9.06
C VAL B 96 15.37 -16.60 8.62
N CYS B 97 14.92 -15.78 9.57
CA CYS B 97 13.92 -14.76 9.29
C CYS B 97 14.43 -13.40 9.72
N PHE B 98 14.18 -12.42 8.90
CA PHE B 98 14.56 -11.01 9.17
C PHE B 98 13.32 -10.14 8.99
N ASP B 99 13.29 -8.99 9.66
CA ASP B 99 12.18 -8.01 9.63
C ASP B 99 10.88 -8.57 10.19
N SER B 100 10.21 -9.49 9.49
CA SER B 100 8.95 -10.10 9.95
C SER B 100 9.16 -11.60 10.13
N ASP B 101 8.92 -12.09 11.34
CA ASP B 101 9.19 -13.50 11.71
C ASP B 101 7.98 -14.40 11.46
N SER B 102 8.31 -15.65 11.18
CA SER B 102 7.32 -16.73 11.24
C SER B 102 7.69 -17.62 12.42
N PRO B 103 7.31 -17.25 13.64
CA PRO B 103 7.87 -17.94 14.82
C PRO B 103 7.36 -19.35 15.01
N THR B 104 6.14 -19.65 14.56
CA THR B 104 5.60 -20.99 14.67
C THR B 104 6.31 -21.99 13.76
N SER B 105 7.21 -21.53 12.90
CA SER B 105 7.89 -22.40 11.95
C SER B 105 9.10 -23.07 12.61
N ASN B 106 9.94 -23.69 11.79
CA ASN B 106 11.16 -24.35 12.25
C ASN B 106 12.42 -23.59 11.84
N ARG B 107 12.29 -22.30 11.52
CA ARG B 107 13.45 -21.50 11.13
C ARG B 107 14.46 -21.44 12.26
N SER B 108 15.72 -21.23 11.91
CA SER B 108 16.80 -21.35 12.88
C SER B 108 16.94 -20.10 13.73
N ALA B 109 16.72 -18.92 13.16
CA ALA B 109 16.96 -17.68 13.89
C ALA B 109 16.06 -16.58 13.36
N TYR B 110 15.88 -15.55 14.19
CA TYR B 110 15.20 -14.33 13.79
C TYR B 110 16.12 -13.14 14.04
N LEU B 111 16.17 -12.23 13.07
CA LEU B 111 17.00 -11.03 13.14
C LEU B 111 16.09 -9.83 12.88
N GLY B 112 15.70 -9.13 13.93
CA GLY B 112 14.77 -8.03 13.75
C GLY B 112 14.76 -7.10 14.94
N THR B 113 13.89 -6.09 14.86
CA THR B 113 13.82 -5.07 15.90
C THR B 113 13.21 -5.64 17.18
N GLY B 114 13.90 -5.47 18.29
CA GLY B 114 13.28 -5.66 19.58
C GLY B 114 12.35 -4.50 19.85
N ASN B 115 11.05 -4.71 19.62
CA ASN B 115 10.10 -3.61 19.63
C ASN B 115 9.92 -3.04 21.04
N TYR B 116 9.96 -3.89 22.07
CA TYR B 116 9.93 -3.40 23.44
C TYR B 116 11.16 -2.55 23.73
N ALA B 117 12.34 -3.06 23.36
CA ALA B 117 13.57 -2.29 23.54
C ALA B 117 13.53 -1.00 22.73
N ALA B 118 12.90 -1.04 21.55
CA ALA B 118 12.79 0.17 20.72
C ALA B 118 11.99 1.25 21.44
N GLY B 119 10.97 0.86 22.20
CA GLY B 119 10.21 1.83 22.96
C GLY B 119 11.02 2.49 24.05
N GLN B 120 11.87 1.72 24.72
CA GLN B 120 12.73 2.29 25.77
C GLN B 120 13.69 3.32 25.19
N LYS B 121 14.31 3.02 24.04
CA LYS B 121 15.22 3.96 23.42
C LYS B 121 14.49 5.23 22.99
N ALA B 122 13.29 5.08 22.42
CA ALA B 122 12.50 6.23 22.05
C ALA B 122 12.18 7.10 23.27
N ALA B 123 11.91 6.46 24.41
CA ALA B 123 11.67 7.22 25.64
C ALA B 123 12.96 7.85 26.15
N GLU B 124 14.09 7.18 25.98
CA GLU B 124 15.37 7.75 26.40
C GLU B 124 15.70 9.04 25.66
N PHE B 125 15.11 9.26 24.48
CA PHE B 125 15.37 10.44 23.68
C PHE B 125 14.29 11.51 23.83
N LEU B 126 13.02 11.12 23.83
CA LEU B 126 11.93 12.08 23.84
C LEU B 126 11.71 12.68 25.23
N VAL B 127 11.85 11.88 26.27
CA VAL B 127 11.53 12.31 27.64
C VAL B 127 12.48 13.40 28.11
N PRO B 128 13.79 13.31 27.88
CA PRO B 128 14.66 14.47 28.21
C PRO B 128 14.28 15.73 27.46
N LEU B 129 13.73 15.61 26.24
CA LEU B 129 13.31 16.78 25.49
C LEU B 129 12.18 17.53 26.20
N VAL B 130 11.30 16.81 26.89
CA VAL B 130 10.23 17.42 27.66
C VAL B 130 10.63 17.56 29.15
N ASN B 131 11.92 17.41 29.44
CA ASN B 131 12.47 17.72 30.78
C ASN B 131 11.83 16.87 31.87
N TYR B 132 11.49 15.62 31.54
CA TYR B 132 11.07 14.59 32.50
C TYR B 132 9.77 14.95 33.21
N LYS B 133 8.99 15.89 32.66
CA LYS B 133 7.69 16.24 33.22
C LYS B 133 6.67 16.34 32.10
N GLY B 134 5.40 16.36 32.48
CA GLY B 134 4.32 16.56 31.54
C GLY B 134 3.74 15.25 31.02
N LYS B 135 2.77 15.39 30.12
CA LYS B 135 2.11 14.26 29.49
C LYS B 135 2.65 14.05 28.08
N ILE B 136 2.84 12.79 27.72
CA ILE B 136 3.33 12.41 26.39
C ILE B 136 2.22 11.61 25.71
N ALA B 137 1.75 12.12 24.57
CA ALA B 137 0.76 11.41 23.78
C ALA B 137 1.42 10.34 22.93
N VAL B 138 0.87 9.13 22.97
CA VAL B 138 1.41 8.00 22.21
C VAL B 138 0.36 7.60 21.16
N LEU B 139 0.71 7.79 19.89
CA LEU B 139 -0.17 7.48 18.77
C LEU B 139 0.27 6.16 18.16
N TYR B 140 -0.57 5.15 18.24
CA TYR B 140 -0.20 3.81 17.82
C TYR B 140 -1.44 3.06 17.35
N THR B 141 -1.21 1.97 16.62
CA THR B 141 -2.30 1.11 16.16
C THR B 141 -2.66 0.13 17.27
N VAL B 142 -3.84 0.32 17.87
CA VAL B 142 -4.31 -0.61 18.88
C VAL B 142 -4.58 -1.97 18.24
N GLY B 143 -3.99 -3.02 18.80
CA GLY B 143 -4.12 -4.36 18.29
C GLY B 143 -2.89 -4.88 17.56
N ALA B 144 -2.04 -3.98 17.08
CA ALA B 144 -0.82 -4.39 16.39
C ALA B 144 0.22 -4.81 17.41
N GLU B 145 0.74 -6.03 17.27
CA GLU B 145 1.61 -6.61 18.29
C GLU B 145 2.88 -5.78 18.49
N ASN B 146 3.51 -5.34 17.38
CA ASN B 146 4.76 -4.60 17.52
C ASN B 146 4.53 -3.20 18.09
N SER B 147 3.44 -2.54 17.67
CA SER B 147 3.11 -1.23 18.22
C SER B 147 2.86 -1.29 19.72
N GLU B 148 2.09 -2.30 20.15
CA GLU B 148 1.82 -2.46 21.58
C GLU B 148 3.11 -2.71 22.37
N SER B 149 4.06 -3.43 21.78
CA SER B 149 5.33 -3.68 22.45
C SER B 149 6.16 -2.40 22.56
N ARG B 150 6.09 -1.52 21.57
CA ARG B 150 6.80 -0.25 21.65
C ARG B 150 6.19 0.66 22.71
N VAL B 151 4.87 0.68 22.80
CA VAL B 151 4.19 1.47 23.84
C VAL B 151 4.53 0.94 25.22
N GLN B 152 4.58 -0.39 25.37
CA GLN B 152 4.89 -0.98 26.66
C GLN B 152 6.31 -0.65 27.10
N GLY B 153 7.28 -0.80 26.19
CA GLY B 153 8.64 -0.41 26.51
C GLY B 153 8.77 1.06 26.83
N PHE B 154 8.03 1.90 26.09
CA PHE B 154 8.01 3.34 26.38
C PHE B 154 7.41 3.60 27.75
N GLU B 155 6.25 3.02 28.02
CA GLU B 155 5.57 3.25 29.30
C GLU B 155 6.39 2.71 30.47
N ASP B 156 7.02 1.54 30.28
CA ASP B 156 7.83 0.96 31.35
C ASP B 156 9.05 1.81 31.66
N TRP B 157 9.72 2.30 30.61
CA TRP B 157 10.87 3.18 30.82
C TRP B 157 10.47 4.43 31.60
N CYS B 158 9.30 5.00 31.30
CA CYS B 158 8.85 6.19 31.99
C CYS B 158 8.59 5.92 33.47
N LYS B 159 8.00 4.77 33.79
CA LYS B 159 7.71 4.46 35.19
C LYS B 159 8.99 4.25 35.99
N GLN B 160 10.08 3.86 35.34
CA GLN B 160 11.33 3.61 36.04
C GLN B 160 12.24 4.83 36.07
N ASN B 161 12.19 5.68 35.05
CA ASN B 161 13.12 6.79 34.94
C ASN B 161 12.47 8.18 35.00
N ALA B 162 11.18 8.31 34.68
CA ALA B 162 10.51 9.61 34.67
C ALA B 162 9.16 9.49 35.35
N PRO B 163 9.12 9.44 36.68
CA PRO B 163 7.84 9.24 37.37
C PRO B 163 6.86 10.38 37.16
N GLU B 164 7.34 11.61 36.95
CA GLU B 164 6.46 12.74 36.73
C GLU B 164 5.86 12.76 35.33
N VAL B 165 6.26 11.84 34.46
CA VAL B 165 5.75 11.78 33.09
C VAL B 165 4.59 10.79 33.05
N SER B 166 3.49 11.18 32.41
CA SER B 166 2.35 10.32 32.20
C SER B 166 2.05 10.24 30.71
N LEU B 167 1.29 9.20 30.33
CA LEU B 167 0.97 8.95 28.94
C LEU B 167 -0.54 8.98 28.73
N VAL B 168 -0.95 9.37 27.53
CA VAL B 168 -2.31 9.19 27.05
C VAL B 168 -2.23 8.36 25.78
N LYS B 169 -2.93 7.23 25.76
CA LYS B 169 -2.90 6.33 24.62
C LYS B 169 -3.93 6.78 23.59
N VAL B 170 -3.48 6.97 22.35
CA VAL B 170 -4.34 7.43 21.26
C VAL B 170 -4.22 6.42 20.12
N ASN B 171 -5.36 5.88 19.69
CA ASN B 171 -5.39 4.90 18.63
C ASN B 171 -5.42 5.61 17.27
N ASP B 172 -4.55 5.19 16.36
CA ASP B 172 -4.58 5.72 15.00
C ASP B 172 -5.43 4.86 14.07
N ALA B 173 -5.75 3.62 14.48
CA ALA B 173 -6.62 2.71 13.75
C ALA B 173 -6.12 2.43 12.33
N GLY B 174 -4.81 2.58 12.11
CA GLY B 174 -4.24 2.36 10.79
C GLY B 174 -4.75 3.30 9.72
N ASP B 175 -5.33 4.42 10.10
CA ASP B 175 -5.88 5.38 9.16
C ASP B 175 -5.49 6.79 9.58
N THR B 176 -5.02 7.59 8.61
CA THR B 176 -4.55 8.93 8.92
C THR B 176 -5.69 9.84 9.34
N THR B 177 -6.88 9.68 8.74
CA THR B 177 -8.00 10.55 9.07
C THR B 177 -8.52 10.27 10.48
N VAL B 178 -8.66 8.98 10.84
CA VAL B 178 -9.08 8.65 12.19
C VAL B 178 -8.01 9.02 13.20
N ALA B 179 -6.74 8.93 12.82
CA ALA B 179 -5.66 9.27 13.73
C ALA B 179 -5.67 10.75 14.06
N ALA B 180 -5.80 11.61 13.04
CA ALA B 180 -5.81 13.04 13.27
C ALA B 180 -7.01 13.47 14.11
N ASP B 181 -8.14 12.77 13.97
CA ASP B 181 -9.31 13.10 14.77
C ASP B 181 -9.11 12.72 16.23
N ASN B 182 -8.62 11.50 16.47
CA ASN B 182 -8.40 11.06 17.85
C ASN B 182 -7.27 11.85 18.52
N LEU B 183 -6.23 12.20 17.76
CA LEU B 183 -5.17 13.00 18.33
C LEU B 183 -5.62 14.44 18.59
N ALA B 184 -6.51 14.96 17.76
CA ALA B 184 -7.07 16.29 18.01
C ALA B 184 -7.87 16.31 19.31
N ALA B 185 -8.70 15.30 19.53
CA ALA B 185 -9.48 15.23 20.77
C ALA B 185 -8.58 15.03 21.98
N ALA B 186 -7.48 14.29 21.83
CA ALA B 186 -6.55 14.10 22.95
C ALA B 186 -5.89 15.41 23.34
N LEU B 187 -5.50 16.23 22.35
CA LEU B 187 -4.91 17.52 22.66
C LEU B 187 -5.93 18.47 23.28
N GLN B 188 -7.21 18.28 22.97
CA GLN B 188 -8.25 19.15 23.51
C GLN B 188 -8.52 18.84 24.98
N ALA B 189 -8.50 17.57 25.35
CA ALA B 189 -8.85 17.16 26.71
C ALA B 189 -7.66 17.15 27.66
N ASN B 190 -6.45 17.13 27.15
CA ASN B 190 -5.24 17.06 27.97
C ASN B 190 -4.36 18.27 27.63
N ASP B 191 -4.43 19.30 28.47
CA ASP B 191 -3.64 20.50 28.25
C ASP B 191 -2.21 20.39 28.76
N ASP B 192 -1.89 19.32 29.48
CA ASP B 192 -0.54 19.09 29.98
C ASP B 192 0.29 18.24 29.02
N ILE B 193 -0.21 17.99 27.81
CA ILE B 193 0.55 17.22 26.83
C ILE B 193 1.73 18.06 26.34
N VAL B 194 2.92 17.50 26.44
CA VAL B 194 4.14 18.18 26.02
C VAL B 194 4.91 17.43 24.95
N GLY B 195 4.54 16.19 24.64
CA GLY B 195 5.26 15.41 23.66
C GLY B 195 4.34 14.41 22.97
N VAL B 196 4.75 13.97 21.80
CA VAL B 196 3.96 13.00 21.01
C VAL B 196 4.92 11.96 20.43
N PHE B 197 4.75 10.70 20.81
CA PHE B 197 5.56 9.61 20.22
C PHE B 197 4.70 8.94 19.14
N CYS B 198 5.13 9.05 17.89
CA CYS B 198 4.42 8.39 16.78
C CYS B 198 5.03 7.00 16.64
N VAL B 199 4.27 5.98 17.00
CA VAL B 199 4.77 4.59 17.13
C VAL B 199 4.93 3.87 15.79
N ASP B 200 4.05 4.11 14.84
CA ASP B 200 4.09 3.43 13.56
C ASP B 200 3.99 4.46 12.43
N GLY B 201 3.96 3.95 11.20
CA GLY B 201 3.97 4.83 10.05
C GLY B 201 2.72 5.69 9.93
N VAL B 202 1.56 5.10 10.24
CA VAL B 202 0.32 5.87 10.24
C VAL B 202 0.41 7.05 11.20
N ALA B 203 1.02 6.83 12.37
CA ALA B 203 1.17 7.90 13.34
C ALA B 203 2.16 8.97 12.86
N GLY B 204 3.17 8.57 12.09
CA GLY B 204 4.15 9.53 11.59
C GLY B 204 3.59 10.51 10.58
N THR B 205 2.41 10.24 10.01
CA THR B 205 1.78 11.15 9.06
C THR B 205 0.75 12.05 9.75
N ALA B 206 -0.28 11.45 10.35
CA ALA B 206 -1.34 12.22 10.99
C ALA B 206 -0.89 12.86 12.30
N GLY B 207 0.20 12.37 12.89
CA GLY B 207 0.73 12.93 14.12
C GLY B 207 1.10 14.39 13.96
N PRO B 208 2.11 14.67 13.14
CA PRO B 208 2.54 16.07 12.95
C PRO B 208 1.43 16.97 12.41
N THR B 209 0.53 16.44 11.56
CA THR B 209 -0.54 17.25 11.01
C THR B 209 -1.49 17.72 12.11
N ALA B 210 -1.93 16.80 12.96
CA ALA B 210 -2.82 17.17 14.06
C ALA B 210 -2.13 18.07 15.06
N VAL B 211 -0.81 17.98 15.18
CA VAL B 211 -0.07 18.85 16.08
C VAL B 211 -0.02 20.26 15.53
N ALA B 212 0.22 20.39 14.21
CA ALA B 212 0.30 21.72 13.59
C ALA B 212 -1.03 22.46 13.66
N GLU B 213 -2.13 21.77 13.38
CA GLU B 213 -3.44 22.43 13.41
C GLU B 213 -3.77 22.94 14.81
N SER B 214 -3.42 22.17 15.84
CA SER B 214 -3.50 22.68 17.21
C SER B 214 -2.67 23.94 17.39
N LYS B 215 -1.61 24.12 16.59
CA LYS B 215 -0.66 25.21 16.74
C LYS B 215 -0.06 25.25 18.15
N LYS B 216 0.26 24.08 18.69
CA LYS B 216 0.98 23.95 19.94
C LYS B 216 2.38 23.43 19.67
N ASP B 217 3.36 24.00 20.36
CA ASP B 217 4.77 23.65 20.17
C ASP B 217 5.10 22.47 21.06
N LEU B 218 5.03 21.26 20.49
CA LEU B 218 5.30 20.03 21.21
C LEU B 218 6.51 19.33 20.62
N ARG B 219 7.12 18.47 21.44
CA ARG B 219 8.23 17.64 21.01
C ARG B 219 7.67 16.35 20.39
N VAL B 220 7.97 16.13 19.11
CA VAL B 220 7.41 15.01 18.35
C VAL B 220 8.54 14.06 17.96
N LEU B 221 8.30 12.77 18.16
CA LEU B 221 9.20 11.71 17.72
C LEU B 221 8.40 10.71 16.90
N ALA B 222 8.81 10.49 15.66
CA ALA B 222 8.11 9.60 14.75
C ALA B 222 8.83 8.25 14.67
N PHE B 223 8.37 7.39 13.76
CA PHE B 223 8.96 6.07 13.57
C PHE B 223 9.24 5.85 12.09
N ASP B 224 10.27 5.05 11.82
CA ASP B 224 10.70 4.66 10.48
C ASP B 224 11.20 5.86 9.67
N VAL B 225 11.64 5.60 8.44
CA VAL B 225 12.37 6.60 7.67
C VAL B 225 11.67 6.89 6.34
N ASP B 226 10.37 7.17 6.39
CA ASP B 226 9.68 7.63 5.20
C ASP B 226 10.19 9.02 4.80
N VAL B 227 10.17 9.29 3.49
CA VAL B 227 10.67 10.57 2.99
C VAL B 227 9.87 11.72 3.60
N THR B 228 8.57 11.51 3.83
CA THR B 228 7.76 12.52 4.52
C THR B 228 8.31 12.81 5.90
N VAL B 229 8.66 11.77 6.66
CA VAL B 229 9.15 11.95 8.02
C VAL B 229 10.55 12.55 8.03
N LEU B 230 11.44 12.06 7.16
CA LEU B 230 12.81 12.57 7.12
C LEU B 230 12.83 14.07 6.85
N ASP B 231 11.97 14.55 5.96
CA ASP B 231 11.93 15.98 5.66
C ASP B 231 11.42 16.79 6.85
N LYS B 232 10.50 16.24 7.63
CA LYS B 232 10.04 16.93 8.83
C LYS B 232 11.15 17.00 9.88
N VAL B 233 12.05 16.02 9.90
CA VAL B 233 13.20 16.08 10.79
C VAL B 233 14.17 17.17 10.33
N LYS B 234 14.36 17.27 9.01
CA LYS B 234 15.32 18.24 8.47
C LYS B 234 14.84 19.67 8.67
N SER B 235 13.55 19.92 8.40
CA SER B 235 13.01 21.27 8.54
C SER B 235 12.86 21.68 10.00
N GLY B 236 12.82 20.72 10.93
CA GLY B 236 12.63 21.01 12.32
C GLY B 236 11.20 20.98 12.80
N GLU B 237 10.27 20.45 11.99
CA GLU B 237 8.88 20.32 12.44
C GLU B 237 8.76 19.30 13.56
N ILE B 238 9.47 18.18 13.45
CA ILE B 238 9.57 17.19 14.52
C ILE B 238 11.02 17.11 14.97
N ASP B 239 11.23 16.49 16.12
CA ASP B 239 12.56 16.43 16.71
C ASP B 239 13.38 15.22 16.24
N GLY B 240 12.74 14.19 15.73
CA GLY B 240 13.46 13.04 15.24
C GLY B 240 12.53 11.92 14.87
N THR B 241 13.13 10.81 14.43
CA THR B 241 12.37 9.61 14.10
C THR B 241 13.21 8.38 14.44
N VAL B 242 12.54 7.29 14.72
CA VAL B 242 13.19 6.04 15.10
C VAL B 242 13.41 5.21 13.84
N ALA B 243 14.67 5.02 13.47
CA ALA B 243 15.04 4.18 12.34
C ALA B 243 15.40 2.78 12.82
N GLN B 244 14.83 1.76 12.20
CA GLN B 244 15.17 0.39 12.53
C GLN B 244 16.53 0.03 11.93
N GLY B 245 17.17 -0.97 12.55
CA GLY B 245 18.44 -1.45 12.07
C GLY B 245 18.33 -2.30 10.82
N MET B 246 17.87 -1.68 9.73
CA MET B 246 17.63 -2.41 8.50
C MET B 246 18.93 -2.93 7.89
N TYR B 247 19.99 -2.12 7.93
CA TYR B 247 21.30 -2.56 7.45
C TYR B 247 21.78 -3.77 8.25
N ASN B 248 21.66 -3.71 9.58
CA ASN B 248 22.07 -4.83 10.41
C ASN B 248 21.24 -6.08 10.14
N MET B 249 19.97 -5.91 9.77
CA MET B 249 19.13 -7.07 9.48
C MET B 249 19.67 -7.87 8.29
N GLY B 250 20.14 -7.18 7.26
CA GLY B 250 20.67 -7.84 6.08
C GLY B 250 22.08 -8.37 6.27
N TYR B 251 22.91 -7.59 6.96
CA TYR B 251 24.32 -7.97 7.14
C TYR B 251 24.44 -9.30 7.87
N TRP B 252 23.88 -9.38 9.07
CA TRP B 252 24.08 -10.56 9.90
C TRP B 252 23.18 -11.73 9.53
N SER B 253 22.18 -11.52 8.68
CA SER B 253 21.34 -12.63 8.24
C SER B 253 22.12 -13.62 7.40
N LEU B 254 23.00 -13.13 6.52
CA LEU B 254 23.79 -14.03 5.69
C LEU B 254 24.89 -14.71 6.49
N MET B 255 25.40 -14.05 7.54
CA MET B 255 26.39 -14.67 8.41
C MET B 255 25.83 -15.94 9.04
N MET B 256 24.61 -15.86 9.57
CA MET B 256 23.99 -17.04 10.16
C MET B 256 23.62 -18.07 9.10
N LEU B 257 23.24 -17.62 7.90
CA LEU B 257 22.84 -18.55 6.85
C LEU B 257 24.04 -19.34 6.33
N TYR B 258 25.17 -18.68 6.12
CA TYR B 258 26.36 -19.36 5.64
C TYR B 258 26.92 -20.32 6.68
N THR B 259 26.95 -19.90 7.94
CA THR B 259 27.51 -20.75 8.99
C THR B 259 26.68 -22.02 9.19
N GLU B 260 25.36 -21.94 9.01
CA GLU B 260 24.53 -23.14 9.14
C GLU B 260 24.60 -24.01 7.89
N ALA B 261 24.71 -23.39 6.71
CA ALA B 261 24.67 -24.15 5.46
C ALA B 261 25.73 -25.24 5.45
N ASN B 262 26.99 -24.88 5.73
CA ASN B 262 28.06 -25.86 5.80
C ASN B 262 28.21 -26.44 7.20
N GLY B 263 28.45 -25.59 8.19
CA GLY B 263 28.58 -26.06 9.55
C GLY B 263 29.86 -25.66 10.24
N LEU B 264 30.17 -24.36 10.25
CA LEU B 264 31.35 -23.85 10.92
C LEU B 264 31.12 -23.56 12.41
N SER B 265 29.97 -23.99 12.95
CA SER B 265 29.72 -23.92 14.38
C SER B 265 29.14 -25.25 14.84
N SER B 266 29.63 -25.76 15.97
CA SER B 266 29.21 -27.06 16.46
C SER B 266 27.82 -27.04 17.09
N LYS B 267 27.31 -25.86 17.44
CA LYS B 267 26.01 -25.72 18.05
C LYS B 267 25.02 -25.10 17.08
N ALA B 268 23.75 -25.13 17.48
CA ALA B 268 22.67 -24.46 16.73
C ALA B 268 22.92 -22.95 16.80
N LEU B 269 22.54 -22.21 15.77
CA LEU B 269 22.77 -20.74 15.71
C LEU B 269 21.97 -20.00 16.80
N PRO B 270 22.40 -18.81 17.24
CA PRO B 270 21.64 -17.99 18.21
C PRO B 270 20.22 -17.72 17.68
N GLY B 271 19.19 -17.77 18.53
CA GLY B 271 17.81 -17.72 18.06
C GLY B 271 17.29 -16.34 17.72
N ASN B 272 17.75 -15.30 18.44
CA ASN B 272 17.19 -13.97 18.27
C ASN B 272 18.30 -12.93 18.29
N LEU B 273 18.35 -12.11 17.24
CA LEU B 273 19.24 -10.96 17.19
C LEU B 273 18.40 -9.70 17.12
N ASP B 274 18.54 -8.84 18.13
CA ASP B 274 17.87 -7.54 18.14
C ASP B 274 18.75 -6.56 17.37
N THR B 275 18.33 -6.22 16.15
CA THR B 275 19.14 -5.33 15.31
C THR B 275 19.12 -3.89 15.79
N GLY B 276 18.31 -3.56 16.80
CA GLY B 276 18.38 -2.27 17.42
C GLY B 276 17.73 -1.17 16.61
N VAL B 277 17.77 0.04 17.16
CA VAL B 277 17.22 1.23 16.52
C VAL B 277 18.24 2.36 16.62
N VAL B 278 18.09 3.34 15.73
CA VAL B 278 18.93 4.54 15.72
C VAL B 278 18.01 5.74 15.65
N ILE B 279 18.23 6.70 16.55
CA ILE B 279 17.45 7.93 16.56
C ILE B 279 17.98 8.86 15.48
N VAL B 280 17.12 9.23 14.54
CA VAL B 280 17.50 10.07 13.41
C VAL B 280 17.13 11.51 13.74
N THR B 281 18.13 12.36 13.90
CA THR B 281 17.92 13.78 14.11
C THR B 281 18.52 14.57 12.97
N LYS B 282 18.69 15.88 13.14
CA LYS B 282 19.30 16.70 12.10
C LYS B 282 20.73 16.28 11.82
N ASP B 283 21.41 15.68 12.79
CA ASP B 283 22.82 15.36 12.64
C ASP B 283 23.06 14.19 11.68
N ASN B 284 22.08 13.28 11.54
CA ASN B 284 22.29 12.08 10.73
C ASN B 284 21.13 11.81 9.78
N VAL B 285 20.28 12.80 9.51
CA VAL B 285 19.13 12.57 8.65
C VAL B 285 19.54 12.35 7.20
N ASP B 286 20.71 12.87 6.79
CA ASP B 286 21.18 12.65 5.43
C ASP B 286 21.55 11.20 5.18
N GLU B 287 21.98 10.48 6.21
CA GLU B 287 22.41 9.09 6.05
C GLU B 287 21.26 8.15 5.72
N TYR B 288 20.01 8.57 5.91
CA TYR B 288 18.87 7.69 5.75
C TYR B 288 17.98 8.06 4.57
N TYR B 289 18.34 9.06 3.79
CA TYR B 289 17.58 9.38 2.60
C TYR B 289 17.82 8.33 1.52
N PRO B 290 16.79 7.93 0.77
CA PRO B 290 16.90 6.92 -0.28
C PRO B 290 17.78 7.37 -1.44
#